data_6QXK
#
_entry.id   6QXK
#
_cell.length_a   97.889
_cell.length_b   97.889
_cell.length_c   80.370
_cell.angle_alpha   90.00
_cell.angle_beta   90.00
_cell.angle_gamma   120.00
#
_symmetry.space_group_name_H-M   'P 65'
#
loop_
_entity.id
_entity.type
_entity.pdbx_description
1 polymer 'Serine/threonine-protein kinase pim-1'
2 polymer Pimtide
3 non-polymer 2-[(1-methylpiperidin-4-yl)methylamino]-5-[[2-[4-(trifluoromethyloxy)phenyl]-1,3-thiazol-4-yl]methyl]-1,3-thiazol-4-one
4 water water
#
loop_
_entity_poly.entity_id
_entity_poly.type
_entity_poly.pdbx_seq_one_letter_code
_entity_poly.pdbx_strand_id
1 'polypeptide(L)'
;SMLLSKINSLAHLRAAPCNDLHATKLAPGKEKEPLESQYQVGPLLGSGGFGSVYSGIRVSDNLPVAIKHVEKDRISDWGE
LPNGTRVPMEVVLLKKVSSGFSGVIRLLDWFERPDSFVLILERPEPVQDLFDFITERGALQEELARSFFWQVLEAVRHCH
NCGVLHRDIKDENILIDLNRGELKLIDFGSGALLKDTVYTDFDGTRVYSPPEWIRYHRYHGRSAAVWSLGILLYDMVCGD
IPFEHDEEIIGGQVFFRQRVSSECQHLIRWCLALRPSDRPTFEEIQNHPWMQDVLLPQETAEIHLHSLSPGPS
;
B
2 'polypeptide(L)' ARKRRRHPSGPPTA A
#
loop_
_chem_comp.id
_chem_comp.type
_chem_comp.name
_chem_comp.formula
JKW non-polymer 2-[(1-methylpiperidin-4-yl)methylamino]-5-[[2-[4-(trifluoromethyloxy)phenyl]-1,3-thiazol-4-yl]methyl]-1,3-thiazol-4-one 'C21 H23 F3 N4 O2 S2'
#
# COMPACT_ATOMS: atom_id res chain seq x y z
N GLU A 36 -12.88 -12.51 -21.39
CA GLU A 36 -13.61 -13.76 -21.77
C GLU A 36 -12.94 -14.43 -22.99
N SER A 37 -13.18 -13.88 -24.19
CA SER A 37 -12.35 -14.17 -25.37
C SER A 37 -11.16 -13.21 -25.43
N GLN A 38 -11.29 -12.04 -24.81
CA GLN A 38 -10.21 -11.04 -24.75
C GLN A 38 -9.00 -11.42 -23.93
N TYR A 39 -9.17 -12.32 -22.97
CA TYR A 39 -8.09 -12.66 -22.05
C TYR A 39 -7.85 -14.16 -21.98
N GLN A 40 -6.57 -14.52 -22.01
CA GLN A 40 -6.16 -15.87 -21.72
C GLN A 40 -5.86 -15.91 -20.23
N VAL A 41 -6.55 -16.80 -19.53
CA VAL A 41 -6.57 -16.88 -18.07
C VAL A 41 -5.59 -17.96 -17.61
N GLY A 42 -4.60 -17.55 -16.82
CA GLY A 42 -3.60 -18.45 -16.27
C GLY A 42 -3.89 -18.85 -14.84
N PRO A 43 -2.84 -19.20 -14.07
CA PRO A 43 -3.06 -19.71 -12.71
C PRO A 43 -3.38 -18.66 -11.66
N LEU A 44 -3.87 -19.14 -10.54
CA LEU A 44 -4.20 -18.33 -9.39
C LEU A 44 -2.91 -17.72 -8.83
N LEU A 45 -2.92 -16.43 -8.55
CA LEU A 45 -1.77 -15.74 -7.99
C LEU A 45 -1.84 -15.71 -6.46
N GLY A 46 -0.70 -15.94 -5.80
CA GLY A 46 -0.64 -16.08 -4.35
C GLY A 46 -1.40 -17.31 -3.87
N GLY A 49 -4.24 -17.23 0.99
CA GLY A 49 -5.32 -16.35 1.42
C GLY A 49 -5.16 -15.06 0.65
N PHE A 50 -5.38 -15.14 -0.66
CA PHE A 50 -5.03 -14.07 -1.58
C PHE A 50 -6.24 -13.59 -2.39
N GLY A 51 -7.45 -13.75 -1.86
CA GLY A 51 -8.69 -13.50 -2.60
C GLY A 51 -8.71 -14.37 -3.84
N SER A 52 -9.28 -13.86 -4.94
CA SER A 52 -9.32 -14.63 -6.20
C SER A 52 -8.78 -13.81 -7.36
N VAL A 53 -7.45 -13.84 -7.51
CA VAL A 53 -6.74 -13.11 -8.56
C VAL A 53 -5.94 -14.09 -9.39
N TYR A 54 -6.19 -14.09 -10.70
CA TYR A 54 -5.52 -15.00 -11.66
C TYR A 54 -4.53 -14.26 -12.54
N SER A 55 -3.46 -14.97 -12.93
CA SER A 55 -2.53 -14.47 -13.95
C SER A 55 -3.25 -14.48 -15.27
N GLY A 56 -2.96 -13.49 -16.09
CA GLY A 56 -3.60 -13.37 -17.38
C GLY A 56 -2.72 -12.71 -18.41
N ILE A 57 -3.16 -12.85 -19.65
CA ILE A 57 -2.48 -12.31 -20.81
C ILE A 57 -3.59 -11.71 -21.67
N ARG A 58 -3.50 -10.43 -22.00
CA ARG A 58 -4.44 -9.83 -22.95
C ARG A 58 -4.13 -10.32 -24.35
N VAL A 59 -5.16 -10.80 -25.04
CA VAL A 59 -5.00 -11.49 -26.31
C VAL A 59 -4.55 -10.53 -27.41
N SER A 60 -5.13 -9.34 -27.44
CA SER A 60 -4.84 -8.36 -28.50
C SER A 60 -3.35 -8.03 -28.65
N ASP A 61 -2.61 -8.01 -27.54
CA ASP A 61 -1.20 -7.61 -27.58
C ASP A 61 -0.25 -8.33 -26.58
N ASN A 62 -0.65 -9.50 -26.07
CA ASN A 62 0.13 -10.25 -25.07
C ASN A 62 0.53 -9.50 -23.80
N LEU A 63 -0.29 -8.55 -23.38
CA LEU A 63 0.02 -7.78 -22.18
C LEU A 63 -0.19 -8.66 -20.94
N PRO A 64 0.82 -8.73 -20.04
CA PRO A 64 0.59 -9.38 -18.75
C PRO A 64 -0.44 -8.62 -17.91
N VAL A 65 -1.48 -9.32 -17.47
CA VAL A 65 -2.49 -8.76 -16.56
C VAL A 65 -2.79 -9.67 -15.38
N ALA A 66 -3.44 -9.09 -14.38
CA ALA A 66 -4.01 -9.79 -13.24
C ALA A 66 -5.51 -9.66 -13.35
N ILE A 67 -6.23 -10.76 -13.20
CA ILE A 67 -7.68 -10.79 -13.34
C ILE A 67 -8.26 -11.07 -11.96
N LYS A 68 -8.83 -10.03 -11.35
CA LYS A 68 -9.32 -10.06 -9.97
C LYS A 68 -10.86 -10.17 -9.94
N HIS A 69 -11.36 -11.25 -9.35
CA HIS A 69 -12.80 -11.49 -9.20
C HIS A 69 -13.26 -11.09 -7.80
N VAL A 70 -14.35 -10.33 -7.74
CA VAL A 70 -14.94 -9.90 -6.47
C VAL A 70 -16.43 -10.24 -6.42
N GLU A 71 -16.82 -11.04 -5.42
CA GLU A 71 -18.22 -11.45 -5.22
C GLU A 71 -19.06 -10.27 -4.75
N LYS A 72 -20.22 -10.07 -5.37
CA LYS A 72 -21.13 -8.97 -4.98
C LYS A 72 -21.59 -9.05 -3.53
N ASP A 73 -21.93 -10.25 -3.07
CA ASP A 73 -22.35 -10.48 -1.68
C ASP A 73 -21.30 -10.10 -0.63
N ARG A 74 -20.02 -10.08 -1.01
CA ARG A 74 -18.94 -9.72 -0.08
C ARG A 74 -18.56 -8.23 -0.08
N ILE A 75 -19.18 -7.43 -0.94
CA ILE A 75 -18.85 -6.00 -1.04
C ILE A 75 -19.75 -5.18 -0.13
N SER A 76 -19.17 -4.47 0.84
CA SER A 76 -19.92 -3.57 1.72
C SER A 76 -20.10 -2.17 1.12
N ASP A 77 -19.01 -1.59 0.63
CA ASP A 77 -19.04 -0.21 0.09
C ASP A 77 -19.22 -0.17 -1.41
N TRP A 78 -20.29 0.52 -1.82
CA TRP A 78 -20.61 0.74 -3.21
C TRP A 78 -20.52 2.22 -3.55
N GLY A 79 -20.27 2.50 -4.82
CA GLY A 79 -20.27 3.84 -5.36
C GLY A 79 -20.96 3.86 -6.70
N GLU A 80 -20.95 5.02 -7.32
CA GLU A 80 -21.49 5.22 -8.67
C GLU A 80 -20.36 5.82 -9.52
N LEU A 81 -20.37 5.46 -10.80
CA LEU A 81 -19.40 6.01 -11.75
C LEU A 81 -19.90 7.36 -12.25
N PRO A 82 -19.00 8.16 -12.88
CA PRO A 82 -19.40 9.36 -13.63
C PRO A 82 -20.74 9.27 -14.40
N ASN A 83 -21.08 8.10 -14.93
CA ASN A 83 -22.37 7.85 -15.60
C ASN A 83 -23.45 7.14 -14.75
N GLY A 84 -23.29 7.15 -13.42
CA GLY A 84 -24.23 6.48 -12.51
C GLY A 84 -24.40 4.97 -12.59
N THR A 85 -23.43 4.25 -13.17
CA THR A 85 -23.40 2.78 -13.07
C THR A 85 -22.97 2.47 -11.64
N ARG A 86 -23.73 1.62 -10.94
CA ARG A 86 -23.47 1.29 -9.53
C ARG A 86 -22.38 0.22 -9.47
N VAL A 87 -21.23 0.56 -8.89
CA VAL A 87 -20.07 -0.35 -8.85
C VAL A 87 -19.47 -0.42 -7.44
N PRO A 88 -18.64 -1.44 -7.17
CA PRO A 88 -17.93 -1.43 -5.90
C PRO A 88 -17.08 -0.17 -5.79
N MET A 89 -16.98 0.39 -4.59
CA MET A 89 -16.10 1.52 -4.33
C MET A 89 -14.69 1.27 -4.87
N GLU A 90 -14.18 0.05 -4.73
CA GLU A 90 -12.87 -0.32 -5.23
C GLU A 90 -12.68 0.11 -6.69
N VAL A 91 -13.70 -0.10 -7.51
CA VAL A 91 -13.65 0.29 -8.91
C VAL A 91 -13.61 1.81 -9.07
N VAL A 92 -14.42 2.53 -8.26
CA VAL A 92 -14.45 3.98 -8.28
C VAL A 92 -13.06 4.55 -7.98
N LEU A 93 -12.42 4.04 -6.94
CA LEU A 93 -11.15 4.54 -6.48
C LEU A 93 -10.05 4.20 -7.48
N LEU A 94 -10.09 2.99 -8.02
CA LEU A 94 -9.10 2.56 -9.03
C LEU A 94 -9.16 3.44 -10.28
N LYS A 95 -10.37 3.75 -10.75
CA LYS A 95 -10.50 4.65 -11.90
C LYS A 95 -9.92 6.03 -11.60
N LYS A 96 -10.13 6.53 -10.39
CA LYS A 96 -9.62 7.86 -10.03
C LYS A 96 -8.10 7.92 -10.03
N VAL A 97 -7.42 6.85 -9.63
CA VAL A 97 -5.96 6.86 -9.60
C VAL A 97 -5.26 6.33 -10.84
N SER A 98 -6.00 5.79 -11.80
CA SER A 98 -5.37 5.01 -12.85
C SER A 98 -5.09 5.82 -14.13
N SER A 99 -5.31 7.15 -14.09
CA SER A 99 -5.00 8.01 -15.24
C SER A 99 -3.54 8.43 -15.12
N GLY A 100 -2.76 8.16 -16.16
CA GLY A 100 -1.33 8.44 -16.21
C GLY A 100 -0.50 7.35 -15.57
N PHE A 101 0.81 7.55 -15.56
CA PHE A 101 1.75 6.64 -14.94
C PHE A 101 1.90 6.95 -13.44
N SER A 102 2.13 5.94 -12.63
CA SER A 102 2.45 6.16 -11.24
C SER A 102 2.92 4.87 -10.57
N GLY A 103 3.18 4.98 -9.27
CA GLY A 103 3.42 3.85 -8.43
C GLY A 103 2.14 3.22 -7.93
N VAL A 104 1.05 3.36 -8.68
CA VAL A 104 -0.20 2.68 -8.34
C VAL A 104 -0.55 1.67 -9.44
N ILE A 105 -0.96 0.44 -9.07
CA ILE A 105 -1.39 -0.55 -10.08
C ILE A 105 -2.62 0.02 -10.80
N ARG A 106 -2.63 -0.12 -12.12
CA ARG A 106 -3.66 0.49 -12.94
C ARG A 106 -4.75 -0.48 -13.32
N LEU A 107 -6.00 -0.03 -13.17
CA LEU A 107 -7.16 -0.75 -13.67
C LEU A 107 -7.30 -0.49 -15.16
N LEU A 108 -7.20 -1.54 -15.96
CA LEU A 108 -7.26 -1.45 -17.42
C LEU A 108 -8.67 -1.63 -17.96
N ASP A 109 -9.50 -2.40 -17.25
CA ASP A 109 -10.85 -2.70 -17.69
C ASP A 109 -11.57 -3.37 -16.53
N TRP A 110 -12.89 -3.45 -16.62
CA TRP A 110 -13.69 -4.24 -15.70
C TRP A 110 -14.99 -4.69 -16.35
N PHE A 111 -15.57 -5.76 -15.81
CA PHE A 111 -16.77 -6.38 -16.32
C PHE A 111 -17.66 -6.66 -15.13
N GLU A 112 -18.97 -6.57 -15.34
CA GLU A 112 -19.94 -7.05 -14.39
C GLU A 112 -20.48 -8.41 -14.85
N ARG A 113 -20.51 -9.37 -13.94
CA ARG A 113 -21.18 -10.66 -14.12
C ARG A 113 -22.35 -10.67 -13.15
N PRO A 114 -23.24 -11.67 -13.25
CA PRO A 114 -24.39 -11.75 -12.34
C PRO A 114 -24.09 -11.71 -10.85
N ASP A 115 -23.05 -12.42 -10.40
CA ASP A 115 -22.73 -12.49 -8.96
C ASP A 115 -21.41 -11.88 -8.60
N SER A 116 -20.73 -11.25 -9.55
CA SER A 116 -19.41 -10.70 -9.30
C SER A 116 -19.02 -9.57 -10.27
N PHE A 117 -17.94 -8.90 -9.92
CA PHE A 117 -17.23 -7.98 -10.80
C PHE A 117 -15.87 -8.59 -11.05
N VAL A 118 -15.38 -8.40 -12.26
CA VAL A 118 -14.06 -8.84 -12.66
C VAL A 118 -13.27 -7.59 -13.03
N LEU A 119 -12.07 -7.49 -12.49
CA LEU A 119 -11.20 -6.33 -12.65
C LEU A 119 -9.93 -6.77 -13.37
N ILE A 120 -9.61 -6.10 -14.48
CA ILE A 120 -8.37 -6.36 -15.21
C ILE A 120 -7.35 -5.33 -14.77
N LEU A 121 -6.26 -5.80 -14.19
CA LEU A 121 -5.25 -4.95 -13.63
C LEU A 121 -3.93 -5.22 -14.32
N GLU A 122 -3.09 -4.19 -14.29
CA GLU A 122 -1.71 -4.25 -14.70
C GLU A 122 -0.99 -5.36 -13.93
N ARG A 123 -0.07 -6.06 -14.60
CA ARG A 123 0.79 -7.02 -13.91
C ARG A 123 2.25 -6.85 -14.31
N PRO A 124 3.07 -6.26 -13.43
CA PRO A 124 4.49 -6.27 -13.72
C PRO A 124 5.04 -7.70 -13.66
N GLU A 125 6.14 -7.89 -14.36
CA GLU A 125 6.81 -9.16 -14.42
C GLU A 125 8.31 -8.88 -14.74
N PRO A 126 9.27 -9.43 -14.00
CA PRO A 126 9.06 -10.21 -12.78
C PRO A 126 8.72 -9.35 -11.56
N VAL A 127 7.98 -9.95 -10.63
CA VAL A 127 7.45 -9.24 -9.47
C VAL A 127 7.57 -10.07 -8.19
N GLN A 128 7.75 -9.40 -7.05
CA GLN A 128 7.57 -9.98 -5.72
C GLN A 128 6.93 -8.93 -4.83
N ASP A 129 6.04 -9.35 -3.93
CA ASP A 129 5.46 -8.39 -3.01
C ASP A 129 6.47 -8.08 -1.91
N LEU A 130 6.32 -6.91 -1.32
CA LEU A 130 7.32 -6.40 -0.37
C LEU A 130 7.34 -7.18 0.93
N PHE A 131 6.20 -7.78 1.30
CA PHE A 131 6.18 -8.63 2.48
C PHE A 131 7.14 -9.84 2.33
N ASP A 132 7.01 -10.59 1.23
CA ASP A 132 7.88 -11.72 0.95
C ASP A 132 9.32 -11.29 0.75
N PHE A 133 9.53 -10.13 0.12
CA PHE A 133 10.86 -9.59 -0.08
C PHE A 133 11.55 -9.41 1.29
N ILE A 134 10.84 -8.81 2.23
CA ILE A 134 11.41 -8.52 3.57
C ILE A 134 11.60 -9.82 4.36
N THR A 135 10.65 -10.74 4.21
CA THR A 135 10.81 -12.06 4.83
C THR A 135 12.09 -12.77 4.38
N GLU A 136 12.34 -12.77 3.08
CA GLU A 136 13.51 -13.46 2.52
C GLU A 136 14.83 -12.76 2.76
N ARG A 137 14.85 -11.44 2.62
CA ARG A 137 16.09 -10.65 2.74
C ARG A 137 16.39 -10.18 4.17
N GLY A 138 15.37 -10.14 5.02
CA GLY A 138 15.47 -9.55 6.37
C GLY A 138 15.41 -8.03 6.29
N ALA A 139 15.90 -7.36 7.34
CA ALA A 139 15.96 -5.90 7.42
C ALA A 139 16.69 -5.32 6.20
N LEU A 140 16.10 -4.30 5.56
CA LEU A 140 16.72 -3.72 4.38
C LEU A 140 17.80 -2.70 4.73
N GLN A 141 18.88 -2.71 3.96
CA GLN A 141 19.82 -1.59 3.96
C GLN A 141 19.06 -0.25 3.79
N GLU A 142 19.52 0.75 4.51
CA GLU A 142 18.82 2.02 4.57
C GLU A 142 18.71 2.71 3.22
N GLU A 143 19.75 2.57 2.40
CA GLU A 143 19.72 3.05 1.02
C GLU A 143 18.52 2.47 0.24
N LEU A 144 18.28 1.18 0.42
CA LEU A 144 17.17 0.48 -0.24
C LEU A 144 15.83 0.88 0.37
N ALA A 145 15.78 0.93 1.69
CA ALA A 145 14.58 1.37 2.40
C ALA A 145 14.18 2.80 2.01
N ARG A 146 15.16 3.67 1.83
CA ARG A 146 14.94 5.05 1.40
C ARG A 146 14.29 5.10 0.02
N SER A 147 14.84 4.35 -0.93
CA SER A 147 14.29 4.32 -2.27
C SER A 147 12.85 3.82 -2.27
N PHE A 148 12.63 2.70 -1.60
CA PHE A 148 11.30 2.10 -1.51
C PHE A 148 10.31 3.03 -0.83
N PHE A 149 10.73 3.59 0.30
CA PHE A 149 9.84 4.42 1.10
C PHE A 149 9.48 5.67 0.33
N TRP A 150 10.46 6.29 -0.33
CA TRP A 150 10.21 7.43 -1.19
C TRP A 150 9.15 7.12 -2.24
N GLN A 151 9.28 5.98 -2.90
CA GLN A 151 8.33 5.58 -3.95
C GLN A 151 6.91 5.37 -3.40
N VAL A 152 6.81 4.81 -2.20
CA VAL A 152 5.50 4.64 -1.55
C VAL A 152 4.93 6.01 -1.24
N LEU A 153 5.76 6.90 -0.72
CA LEU A 153 5.32 8.27 -0.47
C LEU A 153 4.78 8.95 -1.73
N GLU A 154 5.52 8.87 -2.82
CA GLU A 154 5.04 9.44 -4.07
C GLU A 154 3.70 8.82 -4.51
N ALA A 155 3.57 7.49 -4.36
CA ALA A 155 2.34 6.79 -4.73
C ALA A 155 1.13 7.21 -3.90
N VAL A 156 1.34 7.40 -2.61
CA VAL A 156 0.28 7.80 -1.71
C VAL A 156 -0.10 9.28 -1.95
N ARG A 157 0.87 10.14 -2.25
CA ARG A 157 0.57 11.50 -2.68
C ARG A 157 -0.31 11.50 -3.93
N HIS A 158 0.02 10.61 -4.87
CA HIS A 158 -0.77 10.48 -6.09
C HIS A 158 -2.20 10.10 -5.76
N CYS A 159 -2.40 9.11 -4.88
CA CYS A 159 -3.75 8.76 -4.45
C CYS A 159 -4.47 9.99 -3.89
N HIS A 160 -3.81 10.72 -2.99
CA HIS A 160 -4.43 11.86 -2.32
C HIS A 160 -4.77 12.98 -3.32
N ASN A 161 -3.88 13.20 -4.29
CA ASN A 161 -4.13 14.16 -5.37
C ASN A 161 -5.31 13.75 -6.21
N CYS A 162 -5.56 12.44 -6.36
CA CYS A 162 -6.73 11.94 -7.07
C CYS A 162 -8.02 11.80 -6.23
N GLY A 163 -7.99 12.24 -4.97
CA GLY A 163 -9.16 12.21 -4.08
C GLY A 163 -9.39 10.84 -3.43
N VAL A 164 -8.33 10.04 -3.34
CA VAL A 164 -8.41 8.66 -2.86
C VAL A 164 -7.53 8.42 -1.63
N LEU A 165 -8.13 7.80 -0.61
CA LEU A 165 -7.44 7.33 0.58
C LEU A 165 -7.39 5.79 0.53
N HIS A 166 -6.19 5.23 0.48
CA HIS A 166 -6.03 3.78 0.33
C HIS A 166 -6.47 2.99 1.57
N ARG A 167 -6.08 3.48 2.75
CA ARG A 167 -6.43 2.90 4.06
C ARG A 167 -5.87 1.52 4.43
N ASP A 168 -4.99 0.98 3.60
CA ASP A 168 -4.38 -0.31 3.89
C ASP A 168 -2.92 -0.35 3.40
N ILE A 169 -2.18 0.72 3.69
CA ILE A 169 -0.79 0.79 3.32
C ILE A 169 -0.03 -0.21 4.22
N LYS A 170 0.56 -1.21 3.59
CA LYS A 170 1.36 -2.23 4.29
C LYS A 170 2.21 -2.96 3.26
N ASP A 171 3.26 -3.65 3.71
CA ASP A 171 4.20 -4.34 2.79
C ASP A 171 3.52 -5.38 1.88
N GLU A 172 2.47 -6.01 2.38
CA GLU A 172 1.68 -6.96 1.61
C GLU A 172 0.94 -6.35 0.42
N ASN A 173 0.69 -5.05 0.46
CA ASN A 173 -0.02 -4.34 -0.61
C ASN A 173 0.92 -3.52 -1.49
N ILE A 174 2.21 -3.92 -1.52
CA ILE A 174 3.20 -3.27 -2.36
C ILE A 174 3.88 -4.34 -3.18
N LEU A 175 3.84 -4.17 -4.50
CA LEU A 175 4.59 -5.02 -5.42
C LEU A 175 5.88 -4.32 -5.85
N ILE A 176 6.94 -5.10 -5.95
CA ILE A 176 8.21 -4.65 -6.51
C ILE A 176 8.39 -5.24 -7.92
N ASP A 177 8.51 -4.36 -8.93
CA ASP A 177 8.98 -4.74 -10.25
C ASP A 177 10.50 -4.86 -10.11
N LEU A 178 10.96 -6.10 -10.10
CA LEU A 178 12.33 -6.43 -9.78
C LEU A 178 13.34 -6.01 -10.86
N ASN A 179 12.89 -5.88 -12.11
CA ASN A 179 13.77 -5.42 -13.21
C ASN A 179 13.89 -3.90 -13.27
N ARG A 180 12.77 -3.22 -13.06
CA ARG A 180 12.73 -1.76 -13.14
C ARG A 180 13.00 -1.06 -11.79
N GLY A 181 12.87 -1.78 -10.68
CA GLY A 181 13.06 -1.19 -9.35
C GLY A 181 11.94 -0.25 -8.90
N GLU A 182 10.75 -0.47 -9.45
CA GLU A 182 9.59 0.36 -9.25
C GLU A 182 8.59 -0.35 -8.36
N LEU A 183 8.06 0.37 -7.40
CA LEU A 183 7.07 -0.15 -6.47
C LEU A 183 5.67 0.25 -6.95
N LYS A 184 4.72 -0.65 -6.74
CA LYS A 184 3.33 -0.45 -7.13
C LYS A 184 2.39 -0.78 -5.95
N LEU A 185 1.54 0.17 -5.63
CA LEU A 185 0.54 0.01 -4.60
C LEU A 185 -0.69 -0.74 -5.13
N ILE A 186 -1.14 -1.77 -4.41
CA ILE A 186 -2.30 -2.56 -4.80
C ILE A 186 -3.37 -2.61 -3.72
N ASP A 187 -4.51 -3.15 -4.13
CA ASP A 187 -5.63 -3.50 -3.28
C ASP A 187 -6.26 -2.28 -2.62
N PHE A 188 -7.09 -1.62 -3.41
CA PHE A 188 -7.92 -0.51 -2.93
C PHE A 188 -9.26 -0.97 -2.34
N GLY A 189 -9.39 -2.26 -2.02
CA GLY A 189 -10.59 -2.80 -1.41
C GLY A 189 -10.98 -2.30 -0.02
N SER A 190 -10.09 -1.62 0.69
CA SER A 190 -10.43 -0.99 1.98
C SER A 190 -10.46 0.52 1.89
N GLY A 191 -10.32 1.08 0.68
CA GLY A 191 -10.13 2.51 0.55
C GLY A 191 -11.41 3.30 0.64
N ALA A 192 -11.26 4.62 0.60
CA ALA A 192 -12.40 5.54 0.60
C ALA A 192 -12.04 6.78 -0.18
N LEU A 193 -13.07 7.55 -0.52
CA LEU A 193 -12.86 8.91 -0.99
C LEU A 193 -12.12 9.67 0.12
N LEU A 194 -11.15 10.48 -0.27
CA LEU A 194 -10.41 11.30 0.67
C LEU A 194 -11.31 12.44 1.11
N LYS A 195 -11.37 12.69 2.42
CA LYS A 195 -12.10 13.85 2.97
C LYS A 195 -11.33 14.41 4.15
N ASP A 196 -11.67 15.64 4.50
CA ASP A 196 -10.98 16.36 5.55
C ASP A 196 -11.66 16.22 6.92
N THR A 197 -12.84 15.62 6.95
CA THR A 197 -13.57 15.40 8.19
C THR A 197 -13.20 14.04 8.75
N VAL A 198 -13.72 13.73 9.94
CA VAL A 198 -13.35 12.53 10.68
C VAL A 198 -13.87 11.25 10.00
N TYR A 199 -13.06 10.20 9.96
CA TYR A 199 -13.54 8.87 9.55
C TYR A 199 -13.89 8.06 10.80
N THR A 200 -15.06 7.40 10.78
CA THR A 200 -15.53 6.57 11.89
C THR A 200 -15.71 5.08 11.52
N ASP A 201 -15.28 4.70 10.32
CA ASP A 201 -15.31 3.31 9.83
C ASP A 201 -13.88 2.97 9.38
N PHE A 202 -13.49 1.70 9.46
CA PHE A 202 -12.17 1.24 9.00
C PHE A 202 -12.16 -0.27 8.88
N ASP A 203 -11.70 -0.79 7.73
CA ASP A 203 -11.55 -2.23 7.52
C ASP A 203 -10.16 -2.57 6.98
N GLY A 204 -9.18 -1.72 7.29
CA GLY A 204 -7.78 -1.96 6.90
C GLY A 204 -7.14 -2.97 7.85
N THR A 205 -5.81 -2.92 7.95
CA THR A 205 -5.08 -3.85 8.80
C THR A 205 -4.82 -3.22 10.18
N ARG A 206 -5.30 -3.89 11.22
CA ARG A 206 -5.28 -3.30 12.57
C ARG A 206 -3.88 -2.95 13.06
N VAL A 207 -2.89 -3.78 12.76
CA VAL A 207 -1.50 -3.54 13.23
C VAL A 207 -0.78 -2.37 12.54
N TYR A 208 -1.36 -1.86 11.45
CA TYR A 208 -0.91 -0.62 10.82
C TYR A 208 -1.85 0.57 11.13
N SER A 209 -2.83 0.38 12.01
CA SER A 209 -3.83 1.42 12.30
C SER A 209 -3.39 2.26 13.50
N PRO A 210 -3.79 3.54 13.54
CA PRO A 210 -3.22 4.41 14.56
C PRO A 210 -3.93 4.29 15.89
N PRO A 211 -3.31 4.84 16.96
CA PRO A 211 -3.87 4.73 18.28
C PRO A 211 -5.22 5.43 18.45
N GLU A 212 -5.43 6.54 17.75
CA GLU A 212 -6.75 7.20 17.78
C GLU A 212 -7.86 6.26 17.25
N TRP A 213 -7.54 5.38 16.30
CA TRP A 213 -8.49 4.36 15.87
C TRP A 213 -8.72 3.30 16.95
N ILE A 214 -7.62 2.77 17.48
CA ILE A 214 -7.68 1.73 18.53
C ILE A 214 -8.47 2.24 19.74
N ARG A 215 -8.11 3.41 20.27
CA ARG A 215 -8.70 3.95 21.50
C ARG A 215 -10.08 4.58 21.30
N TYR A 216 -10.29 5.28 20.17
CA TYR A 216 -11.51 6.11 19.99
C TYR A 216 -12.38 5.80 18.77
N HIS A 217 -12.01 4.81 17.96
CA HIS A 217 -12.82 4.44 16.81
C HIS A 217 -12.94 5.63 15.83
N ARG A 218 -11.92 6.49 15.75
CA ARG A 218 -11.89 7.56 14.75
C ARG A 218 -10.48 8.02 14.36
N TYR A 219 -10.39 8.67 13.20
CA TYR A 219 -9.13 9.15 12.65
C TYR A 219 -9.38 10.13 11.51
N HIS A 220 -8.36 10.95 11.23
CA HIS A 220 -8.31 11.74 9.99
C HIS A 220 -7.38 11.03 9.01
N GLY A 221 -7.69 11.17 7.73
CA GLY A 221 -7.11 10.34 6.70
C GLY A 221 -5.59 10.46 6.59
N ARG A 222 -5.14 11.70 6.47
CA ARG A 222 -3.76 12.01 6.23
C ARG A 222 -2.86 11.62 7.38
N SER A 223 -3.28 11.96 8.59
CA SER A 223 -2.47 11.66 9.77
C SER A 223 -2.44 10.16 10.06
N ALA A 224 -3.54 9.47 9.74
CA ALA A 224 -3.59 8.03 9.90
C ALA A 224 -2.66 7.37 8.89
N ALA A 225 -2.65 7.90 7.66
CA ALA A 225 -1.77 7.39 6.63
C ALA A 225 -0.30 7.55 7.04
N VAL A 226 0.04 8.67 7.66
CA VAL A 226 1.41 8.90 8.14
C VAL A 226 1.79 7.89 9.25
N TRP A 227 0.85 7.58 10.15
CA TRP A 227 1.10 6.52 11.12
C TRP A 227 1.45 5.21 10.41
N SER A 228 0.64 4.80 9.44
CA SER A 228 0.86 3.52 8.76
C SER A 228 2.18 3.51 7.97
N LEU A 229 2.57 4.66 7.43
CA LEU A 229 3.87 4.83 6.76
C LEU A 229 5.05 4.67 7.72
N GLY A 230 4.90 5.15 8.94
CA GLY A 230 5.89 4.91 9.99
C GLY A 230 6.05 3.44 10.35
N ILE A 231 4.92 2.72 10.44
CA ILE A 231 4.92 1.28 10.69
C ILE A 231 5.67 0.57 9.54
N LEU A 232 5.35 0.98 8.30
CA LEU A 232 5.99 0.43 7.11
C LEU A 232 7.50 0.70 7.09
N LEU A 233 7.91 1.93 7.42
CA LEU A 233 9.31 2.27 7.42
C LEU A 233 10.07 1.42 8.44
N TYR A 234 9.53 1.30 9.65
CA TYR A 234 10.11 0.42 10.69
C TYR A 234 10.24 -1.02 10.16
N ASP A 235 9.17 -1.51 9.54
CA ASP A 235 9.13 -2.86 8.95
C ASP A 235 10.28 -3.06 7.95
N MET A 236 10.50 -2.08 7.08
CA MET A 236 11.61 -2.10 6.13
C MET A 236 13.00 -2.15 6.81
N VAL A 237 13.24 -1.26 7.76
CA VAL A 237 14.59 -1.15 8.34
C VAL A 237 14.85 -2.12 9.48
N CYS A 238 13.79 -2.72 10.04
CA CYS A 238 13.94 -3.68 11.13
C CYS A 238 13.62 -5.12 10.76
N GLY A 239 12.94 -5.33 9.63
CA GLY A 239 12.61 -6.67 9.17
C GLY A 239 11.28 -7.19 9.67
N ASP A 240 10.57 -6.41 10.48
CA ASP A 240 9.21 -6.74 10.89
C ASP A 240 8.58 -5.52 11.53
N ILE A 241 7.25 -5.52 11.59
CA ILE A 241 6.49 -4.40 12.14
C ILE A 241 6.77 -4.24 13.65
N PRO A 242 6.62 -3.02 14.18
CA PRO A 242 6.94 -2.82 15.59
C PRO A 242 5.90 -3.37 16.58
N PHE A 243 4.61 -3.31 16.25
CA PHE A 243 3.53 -3.62 17.19
C PHE A 243 2.64 -4.75 16.68
N GLU A 244 2.28 -5.66 17.58
CA GLU A 244 1.29 -6.71 17.32
C GLU A 244 0.00 -6.53 18.13
N HIS A 245 0.08 -5.96 19.33
CA HIS A 245 -1.09 -5.84 20.20
C HIS A 245 -1.52 -4.40 20.37
N ASP A 246 -2.80 -4.21 20.67
CA ASP A 246 -3.38 -2.88 20.94
C ASP A 246 -2.60 -2.02 21.92
N GLU A 247 -2.07 -2.64 22.97
CA GLU A 247 -1.40 -1.94 24.08
C GLU A 247 -0.08 -1.34 23.62
N GLU A 248 0.60 -2.05 22.71
CA GLU A 248 1.82 -1.56 22.09
C GLU A 248 1.50 -0.36 21.16
N ILE A 249 0.42 -0.47 20.40
CA ILE A 249 0.04 0.60 19.46
C ILE A 249 -0.20 1.89 20.22
N ILE A 250 -0.98 1.81 21.29
CA ILE A 250 -1.31 3.00 22.09
C ILE A 250 -0.17 3.44 23.02
N GLY A 251 0.75 2.53 23.33
CA GLY A 251 1.86 2.80 24.25
C GLY A 251 2.86 3.91 23.95
N GLY A 252 3.08 4.22 22.68
CA GLY A 252 4.01 5.31 22.30
C GLY A 252 5.49 5.02 22.53
N GLN A 253 5.86 3.73 22.49
CA GLN A 253 7.20 3.24 22.77
C GLN A 253 7.69 2.47 21.56
N VAL A 254 8.73 2.97 20.91
CA VAL A 254 9.33 2.32 19.76
C VAL A 254 10.76 1.85 20.12
N PHE A 255 10.94 0.54 20.24
CA PHE A 255 12.22 -0.09 20.50
C PHE A 255 12.74 -0.59 19.15
N PHE A 256 14.02 -0.29 18.90
CA PHE A 256 14.75 -0.74 17.72
C PHE A 256 15.56 -2.00 18.02
N ARG A 257 15.16 -3.07 17.32
CA ARG A 257 15.78 -4.40 17.41
C ARG A 257 17.02 -4.53 16.52
N GLN A 258 17.10 -3.70 15.48
CA GLN A 258 18.22 -3.64 14.55
C GLN A 258 18.93 -2.31 14.67
N ARG A 259 20.17 -2.31 14.20
CA ARG A 259 20.94 -1.09 14.02
C ARG A 259 20.26 -0.20 12.96
N VAL A 260 19.84 0.99 13.37
CA VAL A 260 19.17 1.97 12.52
C VAL A 260 19.78 3.34 12.85
N SER A 261 20.02 4.13 11.81
CA SER A 261 20.67 5.43 11.98
C SER A 261 19.77 6.30 12.84
N SER A 262 20.37 7.22 13.57
CA SER A 262 19.61 8.17 14.39
C SER A 262 18.59 8.98 13.58
N GLU A 263 18.95 9.32 12.35
CA GLU A 263 18.07 10.12 11.49
CA GLU A 263 18.12 10.09 11.43
C GLU A 263 16.85 9.30 11.06
N CYS A 264 17.05 8.02 10.71
CA CYS A 264 15.94 7.16 10.38
C CYS A 264 15.04 6.88 11.60
N GLN A 265 15.65 6.60 12.74
CA GLN A 265 14.92 6.43 14.01
C GLN A 265 14.02 7.65 14.29
N HIS A 266 14.58 8.84 14.07
CA HIS A 266 13.87 10.08 14.32
C HIS A 266 12.63 10.21 13.41
N LEU A 267 12.80 9.94 12.12
CA LEU A 267 11.66 9.98 11.18
C LEU A 267 10.55 9.00 11.56
N ILE A 268 10.94 7.79 11.93
CA ILE A 268 9.99 6.77 12.35
C ILE A 268 9.22 7.21 13.60
N ARG A 269 9.94 7.63 14.62
CA ARG A 269 9.29 8.09 15.86
C ARG A 269 8.37 9.31 15.65
N TRP A 270 8.75 10.18 14.73
CA TRP A 270 7.93 11.32 14.35
C TRP A 270 6.62 10.87 13.66
N CYS A 271 6.73 9.97 12.69
CA CYS A 271 5.55 9.38 12.05
C CYS A 271 4.62 8.67 13.01
N LEU A 272 5.21 8.07 14.04
CA LEU A 272 4.47 7.34 15.06
C LEU A 272 4.22 8.18 16.32
N ALA A 273 4.16 9.50 16.21
CA ALA A 273 3.72 10.34 17.32
C ALA A 273 2.30 9.92 17.69
N LEU A 274 2.06 9.78 18.99
CA LEU A 274 0.74 9.37 19.46
C LEU A 274 -0.36 10.37 19.10
N ARG A 275 -0.06 11.65 19.25
CA ARG A 275 -1.01 12.69 18.91
C ARG A 275 -1.00 12.94 17.40
N PRO A 276 -2.14 12.76 16.71
CA PRO A 276 -2.15 12.94 15.24
C PRO A 276 -1.52 14.25 14.73
N SER A 277 -1.78 15.35 15.44
CA SER A 277 -1.26 16.65 15.04
C SER A 277 0.26 16.80 15.21
N ASP A 278 0.89 15.92 15.99
CA ASP A 278 2.35 15.90 16.12
C ASP A 278 3.07 15.15 15.00
N ARG A 279 2.34 14.45 14.14
CA ARG A 279 2.95 13.70 13.05
C ARG A 279 3.33 14.65 11.92
N PRO A 280 4.34 14.26 11.10
CA PRO A 280 4.75 15.09 9.97
C PRO A 280 3.75 15.09 8.83
N THR A 281 3.72 16.18 8.08
CA THR A 281 3.04 16.18 6.79
C THR A 281 3.88 15.37 5.82
N PHE A 282 3.30 14.99 4.69
CA PHE A 282 4.09 14.36 3.62
C PHE A 282 5.29 15.21 3.18
N GLU A 283 5.09 16.51 3.11
CA GLU A 283 6.16 17.43 2.78
C GLU A 283 7.30 17.35 3.81
N GLU A 284 6.95 17.34 5.09
CA GLU A 284 7.95 17.24 6.14
C GLU A 284 8.70 15.90 6.11
N ILE A 285 8.00 14.82 5.78
CA ILE A 285 8.66 13.53 5.60
C ILE A 285 9.69 13.60 4.47
N GLN A 286 9.26 14.11 3.33
CA GLN A 286 10.09 14.12 2.15
C GLN A 286 11.23 15.12 2.21
N ASN A 287 11.13 16.12 3.09
CA ASN A 287 12.21 17.06 3.38
C ASN A 287 13.08 16.65 4.55
N HIS A 288 12.75 15.54 5.21
CA HIS A 288 13.52 15.06 6.34
C HIS A 288 14.95 14.71 5.89
N PRO A 289 15.96 14.95 6.74
CA PRO A 289 17.35 14.62 6.37
C PRO A 289 17.58 13.19 5.91
N TRP A 290 16.92 12.25 6.55
CA TRP A 290 17.04 10.85 6.15
C TRP A 290 16.56 10.56 4.72
N MET A 291 15.68 11.40 4.18
CA MET A 291 15.11 11.21 2.85
C MET A 291 15.88 11.86 1.69
N GLN A 292 17.02 12.48 1.96
CA GLN A 292 17.79 13.15 0.92
C GLN A 292 18.63 12.15 0.11
N ASP A 293 18.94 12.51 -1.12
CA ASP A 293 19.78 11.69 -2.03
C ASP A 293 19.23 10.28 -2.30
N VAL A 294 17.95 10.21 -2.55
CA VAL A 294 17.29 8.97 -2.91
C VAL A 294 17.83 8.46 -4.23
N LEU A 295 17.97 7.13 -4.34
CA LEU A 295 18.30 6.49 -5.61
C LEU A 295 17.11 6.52 -6.54
N LEU A 296 17.39 6.61 -7.84
CA LEU A 296 16.37 6.41 -8.87
C LEU A 296 15.94 4.92 -8.90
N PRO A 297 14.73 4.64 -9.39
CA PRO A 297 14.27 3.23 -9.43
C PRO A 297 15.24 2.27 -10.15
N GLN A 298 15.72 2.67 -11.32
CA GLN A 298 16.67 1.86 -12.08
C GLN A 298 18.00 1.65 -11.32
N GLU A 299 18.51 2.70 -10.66
CA GLU A 299 19.71 2.58 -9.82
C GLU A 299 19.47 1.55 -8.70
N THR A 300 18.33 1.69 -8.07
CA THR A 300 17.88 0.77 -7.03
C THR A 300 17.88 -0.68 -7.49
N ALA A 301 17.34 -0.91 -8.70
CA ALA A 301 17.29 -2.24 -9.27
C ALA A 301 18.71 -2.77 -9.55
N GLU A 302 19.56 -1.95 -10.14
CA GLU A 302 20.92 -2.35 -10.47
C GLU A 302 21.77 -2.66 -9.26
N ILE A 303 21.58 -1.91 -8.18
CA ILE A 303 22.39 -2.10 -6.97
C ILE A 303 21.83 -3.19 -6.07
N HIS A 304 20.52 -3.21 -5.87
CA HIS A 304 19.92 -4.06 -4.84
C HIS A 304 19.10 -5.24 -5.35
N LEU A 305 18.61 -5.18 -6.59
CA LEU A 305 17.66 -6.17 -7.09
C LEU A 305 18.21 -7.08 -8.21
N HIS A 306 19.05 -6.55 -9.11
CA HIS A 306 19.60 -7.36 -10.20
C HIS A 306 20.68 -8.28 -9.67
N ARG B 2 8.19 -14.26 18.75
CA ARG B 2 7.59 -13.45 17.65
C ARG B 2 7.96 -14.00 16.27
N LYS B 3 6.98 -14.63 15.63
CA LYS B 3 7.11 -15.05 14.24
C LYS B 3 6.58 -13.90 13.37
N ARG B 4 7.32 -13.57 12.32
CA ARG B 4 6.84 -12.65 11.30
C ARG B 4 5.66 -13.29 10.58
N ARG B 5 4.53 -12.60 10.54
CA ARG B 5 3.36 -13.11 9.87
C ARG B 5 2.61 -12.01 9.13
N ARG B 6 1.79 -12.44 8.16
CA ARG B 6 0.83 -11.56 7.51
C ARG B 6 -0.32 -11.28 8.47
N HIS B 7 -1.04 -10.19 8.24
CA HIS B 7 -2.20 -9.82 9.04
C HIS B 7 -3.35 -9.48 8.10
N PRO B 8 -4.51 -10.17 8.23
CA PRO B 8 -5.65 -9.87 7.36
C PRO B 8 -6.25 -8.49 7.60
N SER B 9 -6.90 -7.93 6.58
CA SER B 9 -7.49 -6.59 6.66
C SER B 9 -8.70 -6.55 7.60
C4 JKW C . -3.46 -6.34 -8.16
C14 JKW C . 3.76 -12.88 -7.01
C5 JKW C . -4.15 -6.73 -6.99
C6 JKW C . -5.14 -5.99 -6.35
C11 JKW C . 1.69 -11.85 -7.63
C7 JKW C . -5.22 -7.82 -5.11
C8 JKW C . 0.12 -9.68 -8.43
C9 JKW C . -0.03 -10.25 -7.17
C10 JKW C . 0.74 -11.32 -6.76
C12 JKW C . 1.85 -11.31 -8.89
C13 JKW C . 1.08 -10.23 -9.28
N1 JKW C . -1.72 -8.11 -8.13
N2 JKW C . -5.72 -6.63 -5.30
C3 JKW C . -2.35 -7.04 -8.74
N3 JKW C . -5.70 -8.68 -4.19
C1 JKW C . -0.72 -8.54 -8.83
S1 JKW C . -0.49 -7.67 -10.32
C2 JKW C . -1.85 -6.72 -9.97
S2 JKW C . -3.86 -8.22 -6.13
O1 JKW C . 2.45 -12.99 -7.20
F1 JKW C . 4.06 -11.82 -6.27
F2 JKW C . 4.21 -13.95 -6.39
F3 JKW C . 4.42 -12.78 -8.15
O2 JKW C . -5.45 -4.86 -6.71
C15 JKW C . -5.07 -9.95 -3.84
C16 JKW C . -4.34 -9.94 -2.50
C17 JKW C . -5.29 -9.78 -1.33
C18 JKW C . -4.55 -9.82 0.00
N4 JKW C . -3.46 -8.82 0.06
C19 JKW C . -2.54 -8.93 -1.09
C20 JKW C . -3.27 -8.85 -2.42
C21 JKW C . -2.72 -8.93 1.33
#